data_6YAO
#
_entry.id   6YAO
#
_cell.length_a   79.713
_cell.length_b   79.713
_cell.length_c   203.671
_cell.angle_alpha   90.000
_cell.angle_beta   90.000
_cell.angle_gamma   90.000
#
_symmetry.space_group_name_H-M   'P 43 21 2'
#
loop_
_entity.id
_entity.type
_entity.pdbx_description
1 polymer 'Cytokinin dehydrogenase 4'
2 non-polymer 'FLAVIN-ADENINE DINUCLEOTIDE'
3 non-polymer 1-[2-(2-Hydroxy-ethyl)-phenyl]-3-(3-trifluoromethoxy-phenyl)-urea
4 non-polymer 1,2-ETHANEDIOL
5 non-polymer 'DIMETHYL SULFOXIDE'
6 water water
#
_entity_poly.entity_id   1
_entity_poly.type   'polypeptide(L)'
_entity_poly.pdbx_seq_one_letter_code
;MTRCLMFTLLFLVSSLISTVGLPVEPPAELLQLGGGDVGGGRLSVDASDIAEASRDFGGVARAEPMAVFHPRAAGDVAGL
VGAAFRSARGFRVSARGHGHSISGQAQAAGGVVVDMSRGRGPGAAVARALPVHSAALGGHYVDVWGGELWVDVLNWTLSH
GGLAPRSWTDYLYLSVGGTLSNAGISGQAFHHGPQISNVYELDVVTGKGEVVTCSETENPDLFFGVLGGLGQFGIITRAR
IALERAPKRVRWIRALYSNFSEFTADQERLISLGSGGGRRFDYVEGFVVAAEGLINNWRSSFFSPQNPVKLTSLKHHSSV
LYCLEVTKNYDDETAGSVDQDVDTLLGELNFLPGTVFTTDLPYVDFLDRVHKAELKLRAKGMWEVPHPWLNLFVPASRIA
DFDRGVFRGVLGGRTAGAGGPVLIYPMNKHKWDPRSSAVTPDEEVFYLVAFLRSALPGAPESLEALARQNQRILDFCAGT
GIGAKQYLPGHKARHEWAEHFGAARWDRFARLKAEFDPRAILAAGQGIFRPPGSPALAADS
;
_entity_poly.pdbx_strand_id   A
#
loop_
_chem_comp.id
_chem_comp.type
_chem_comp.name
_chem_comp.formula
DMS non-polymer 'DIMETHYL SULFOXIDE' 'C2 H6 O S'
EDO non-polymer 1,2-ETHANEDIOL 'C2 H6 O2'
FAD non-polymer 'FLAVIN-ADENINE DINUCLEOTIDE' 'C27 H33 N9 O15 P2'
OJ2 non-polymer 1-[2-(2-Hydroxy-ethyl)-phenyl]-3-(3-trifluoromethoxy-phenyl)-urea 'C16 H15 F3 N2 O3'
#
# COMPACT_ATOMS: atom_id res chain seq x y z
N GLY A 40 26.81 -6.80 14.93
CA GLY A 40 26.95 -6.83 13.47
C GLY A 40 26.67 -5.53 12.75
N GLY A 41 25.70 -4.75 13.28
CA GLY A 41 25.27 -3.48 12.72
C GLY A 41 25.93 -2.24 13.29
N ARG A 42 25.59 -1.06 12.75
CA ARG A 42 26.17 0.20 13.24
C ARG A 42 25.19 1.35 13.44
N LEU A 43 25.39 2.11 14.54
CA LEU A 43 24.64 3.30 14.86
C LEU A 43 25.33 4.46 14.17
N SER A 44 24.54 5.32 13.52
CA SER A 44 25.04 6.45 12.78
C SER A 44 24.41 7.73 13.30
N VAL A 45 25.22 8.81 13.31
CA VAL A 45 24.79 10.15 13.68
C VAL A 45 25.10 11.11 12.53
N ASP A 46 25.34 10.54 11.31
CA ASP A 46 25.59 11.31 10.09
C ASP A 46 24.35 12.22 9.90
N ALA A 47 24.57 13.55 9.72
CA ALA A 47 23.48 14.51 9.55
C ALA A 47 22.56 14.18 8.36
N SER A 48 23.13 13.63 7.28
CA SER A 48 22.36 13.22 6.09
C SER A 48 21.41 12.04 6.41
N ASP A 49 21.87 11.11 7.29
CA ASP A 49 21.13 9.94 7.79
C ASP A 49 20.02 10.38 8.77
N ILE A 50 20.35 11.30 9.69
CA ILE A 50 19.42 11.86 10.67
C ILE A 50 18.33 12.64 9.93
N ALA A 51 18.70 13.43 8.89
CA ALA A 51 17.74 14.21 8.11
C ALA A 51 16.75 13.35 7.33
N GLU A 52 17.23 12.26 6.69
CA GLU A 52 16.42 11.32 5.93
C GLU A 52 15.42 10.59 6.81
N ALA A 53 15.87 10.12 7.98
CA ALA A 53 15.07 9.42 8.98
C ALA A 53 14.05 10.35 9.68
N SER A 54 14.21 11.68 9.50
CA SER A 54 13.42 12.75 10.10
C SER A 54 12.40 13.33 9.13
N ARG A 55 12.28 12.73 7.96
CA ARG A 55 11.33 13.18 6.96
C ARG A 55 10.68 12.00 6.25
N ASP A 56 9.63 12.27 5.47
CA ASP A 56 8.95 11.27 4.67
C ASP A 56 8.36 11.93 3.46
N PHE A 57 7.72 11.13 2.59
CA PHE A 57 7.09 11.63 1.36
C PHE A 57 5.97 12.66 1.62
N GLY A 58 5.32 12.60 2.78
CA GLY A 58 4.30 13.59 3.17
C GLY A 58 4.86 15.00 3.25
N GLY A 59 6.10 15.11 3.74
CA GLY A 59 6.86 16.36 3.84
C GLY A 59 6.38 17.33 4.90
N VAL A 60 5.73 16.84 5.97
CA VAL A 60 5.19 17.68 7.04
C VAL A 60 5.77 17.26 8.38
N ALA A 61 5.57 15.99 8.76
CA ALA A 61 6.08 15.43 10.02
C ALA A 61 7.60 15.39 9.97
N ARG A 62 8.25 15.90 11.04
CA ARG A 62 9.72 16.00 11.13
C ARG A 62 10.32 15.56 12.47
N ALA A 63 9.74 14.54 13.12
CA ALA A 63 10.29 14.07 14.39
C ALA A 63 11.65 13.38 14.17
N GLU A 64 12.70 13.94 14.80
CA GLU A 64 14.10 13.50 14.70
C GLU A 64 14.48 12.40 15.68
N PRO A 65 15.22 11.36 15.21
CA PRO A 65 15.73 10.37 16.16
C PRO A 65 17.08 10.83 16.73
N MET A 66 17.62 10.11 17.71
CA MET A 66 18.94 10.38 18.27
C MET A 66 20.00 9.74 17.34
N ALA A 67 19.66 8.60 16.69
CA ALA A 67 20.54 7.85 15.79
C ALA A 67 19.78 6.99 14.77
N VAL A 68 20.48 6.56 13.71
CA VAL A 68 19.98 5.70 12.66
C VAL A 68 20.77 4.39 12.78
N PHE A 69 20.08 3.26 12.79
CA PHE A 69 20.74 1.96 12.90
C PHE A 69 20.73 1.28 11.55
N HIS A 70 21.90 0.80 11.12
CA HIS A 70 22.10 0.11 9.85
C HIS A 70 22.37 -1.38 10.16
N PRO A 71 21.33 -2.24 10.12
CA PRO A 71 21.57 -3.65 10.47
C PRO A 71 22.19 -4.43 9.31
N ARG A 72 22.88 -5.55 9.63
CA ARG A 72 23.45 -6.40 8.60
C ARG A 72 22.54 -7.60 8.38
N ALA A 73 21.87 -8.04 9.47
CA ALA A 73 20.98 -9.20 9.48
C ALA A 73 19.91 -8.98 10.55
N ALA A 74 18.98 -9.94 10.70
CA ALA A 74 17.87 -9.92 11.65
C ALA A 74 18.30 -9.83 13.12
N GLY A 75 19.38 -10.52 13.48
CA GLY A 75 19.93 -10.55 14.85
C GLY A 75 20.33 -9.20 15.37
N ASP A 76 20.79 -8.30 14.47
CA ASP A 76 21.16 -6.92 14.77
C ASP A 76 19.91 -6.12 15.11
N VAL A 77 18.81 -6.31 14.34
CA VAL A 77 17.53 -5.62 14.61
C VAL A 77 17.05 -6.09 15.99
N ALA A 78 17.15 -7.41 16.26
CA ALA A 78 16.74 -8.02 17.53
C ALA A 78 17.53 -7.45 18.71
N GLY A 79 18.83 -7.22 18.52
CA GLY A 79 19.71 -6.65 19.53
C GLY A 79 19.30 -5.23 19.92
N LEU A 80 19.08 -4.37 18.91
CA LEU A 80 18.67 -2.98 19.13
C LEU A 80 17.29 -2.89 19.81
N VAL A 81 16.32 -3.74 19.39
CA VAL A 81 14.98 -3.74 19.99
C VAL A 81 15.04 -4.31 21.43
N GLY A 82 15.88 -5.33 21.63
CA GLY A 82 16.12 -5.93 22.94
C GLY A 82 16.66 -4.90 23.93
N ALA A 83 17.67 -4.11 23.50
CA ALA A 83 18.27 -3.02 24.27
C ALA A 83 17.22 -1.94 24.61
N ALA A 84 16.32 -1.57 23.66
CA ALA A 84 15.21 -0.60 23.88
C ALA A 84 14.25 -1.12 24.93
N PHE A 85 13.90 -2.43 24.84
CA PHE A 85 13.02 -3.09 25.79
C PHE A 85 13.63 -3.21 27.19
N ARG A 86 14.96 -3.43 27.27
CA ARG A 86 15.70 -3.57 28.52
C ARG A 86 16.11 -2.23 29.16
N SER A 87 16.25 -1.15 28.35
CA SER A 87 16.64 0.19 28.85
C SER A 87 15.67 0.72 29.88
N ALA A 88 16.12 1.63 30.77
CA ALA A 88 15.25 2.18 31.81
C ALA A 88 14.21 3.11 31.18
N ARG A 89 14.65 3.93 30.22
CA ARG A 89 13.87 4.91 29.48
C ARG A 89 12.85 4.25 28.51
N GLY A 90 13.29 3.23 27.77
CA GLY A 90 12.47 2.53 26.79
C GLY A 90 12.30 3.36 25.54
N PHE A 91 13.42 3.72 24.91
CA PHE A 91 13.42 4.56 23.71
C PHE A 91 12.65 3.94 22.52
N ARG A 92 12.11 4.84 21.68
CA ARG A 92 11.33 4.51 20.49
C ARG A 92 12.24 3.93 19.41
N VAL A 93 11.76 2.85 18.78
CA VAL A 93 12.44 2.18 17.67
C VAL A 93 11.42 2.03 16.55
N SER A 94 11.72 2.58 15.38
CA SER A 94 10.88 2.40 14.20
C SER A 94 11.70 1.97 12.98
N ALA A 95 11.20 0.99 12.23
CA ALA A 95 11.81 0.59 10.96
C ALA A 95 11.39 1.63 9.90
N ARG A 96 12.30 1.98 9.00
CA ARG A 96 12.02 2.85 7.87
C ARG A 96 12.24 1.99 6.61
N GLY A 97 11.24 1.96 5.73
CA GLY A 97 11.30 1.23 4.48
C GLY A 97 11.97 2.12 3.47
N HIS A 98 11.18 2.80 2.64
CA HIS A 98 11.68 3.75 1.65
C HIS A 98 11.22 5.18 1.98
N GLY A 99 10.69 5.37 3.18
CA GLY A 99 10.19 6.66 3.69
C GLY A 99 8.99 7.24 2.96
N HIS A 100 8.08 6.37 2.51
CA HIS A 100 6.94 6.83 1.75
C HIS A 100 5.66 7.17 2.56
N SER A 101 5.79 7.19 3.91
CA SER A 101 4.71 7.58 4.83
C SER A 101 4.29 9.03 4.59
N ILE A 102 3.03 9.36 4.87
CA ILE A 102 2.46 10.69 4.65
C ILE A 102 2.54 11.51 5.94
N SER A 103 2.54 10.87 7.12
CA SER A 103 2.45 11.67 8.33
C SER A 103 3.28 11.15 9.53
N GLY A 104 4.55 10.82 9.26
CA GLY A 104 5.53 10.44 10.28
C GLY A 104 5.41 9.07 10.89
N GLN A 105 4.68 8.15 10.22
CA GLN A 105 4.47 6.77 10.72
C GLN A 105 5.81 5.99 10.95
N ALA A 106 6.89 6.31 10.20
CA ALA A 106 8.21 5.65 10.32
C ALA A 106 9.24 6.46 11.16
N GLN A 107 8.77 7.52 11.85
CA GLN A 107 9.62 8.40 12.64
C GLN A 107 9.69 7.96 14.10
N ALA A 108 10.87 8.05 14.70
CA ALA A 108 11.05 7.59 16.08
C ALA A 108 11.69 8.74 16.89
N ALA A 109 10.84 9.71 17.31
CA ALA A 109 11.20 10.92 18.07
C ALA A 109 12.13 10.60 19.24
N GLY A 110 13.35 11.14 19.16
CA GLY A 110 14.41 10.95 20.15
C GLY A 110 14.82 9.51 20.42
N GLY A 111 14.54 8.62 19.50
CA GLY A 111 14.87 7.20 19.63
C GLY A 111 15.79 6.77 18.51
N VAL A 112 15.56 5.57 17.97
CA VAL A 112 16.39 5.09 16.87
C VAL A 112 15.55 4.67 15.63
N VAL A 113 15.91 5.19 14.45
CA VAL A 113 15.28 4.73 13.23
C VAL A 113 16.15 3.59 12.61
N VAL A 114 15.55 2.42 12.34
CA VAL A 114 16.25 1.29 11.71
C VAL A 114 16.13 1.48 10.20
N ASP A 115 17.27 1.75 9.52
CA ASP A 115 17.29 1.91 8.07
C ASP A 115 17.32 0.49 7.49
N MET A 116 16.12 -0.04 7.16
CA MET A 116 15.97 -1.40 6.66
C MET A 116 16.46 -1.61 5.23
N SER A 117 16.84 -0.55 4.52
CA SER A 117 17.35 -0.63 3.13
C SER A 117 18.69 -1.37 2.98
N ARG A 118 18.89 -2.00 1.81
CA ARG A 118 20.09 -2.76 1.44
C ARG A 118 21.01 -1.91 0.55
N VAL A 126 25.17 -8.46 0.15
CA VAL A 126 24.39 -9.45 0.90
C VAL A 126 23.80 -10.52 -0.05
N ALA A 127 23.74 -11.79 0.44
CA ALA A 127 23.24 -12.96 -0.29
C ALA A 127 21.72 -13.04 -0.25
N ARG A 128 21.12 -13.26 -1.42
CA ARG A 128 19.67 -13.37 -1.57
C ARG A 128 19.25 -14.79 -1.83
N ALA A 129 18.12 -15.19 -1.24
CA ALA A 129 17.55 -16.52 -1.41
C ALA A 129 16.93 -16.62 -2.80
N LEU A 130 17.10 -17.78 -3.44
CA LEU A 130 16.55 -18.02 -4.77
C LEU A 130 15.09 -18.42 -4.61
N PRO A 131 14.21 -18.17 -5.61
CA PRO A 131 12.83 -18.68 -5.52
C PRO A 131 12.82 -20.21 -5.32
N VAL A 132 11.80 -20.72 -4.65
CA VAL A 132 11.66 -22.13 -4.31
C VAL A 132 10.31 -22.66 -4.80
N HIS A 133 10.30 -23.91 -5.30
CA HIS A 133 9.05 -24.56 -5.66
C HIS A 133 8.63 -25.49 -4.51
N SER A 134 7.33 -25.54 -4.22
CA SER A 134 6.78 -26.42 -3.21
C SER A 134 5.66 -27.25 -3.83
N ALA A 135 5.80 -28.59 -3.75
CA ALA A 135 4.75 -29.49 -4.25
C ALA A 135 3.56 -29.43 -3.31
N ALA A 136 3.78 -29.13 -2.01
CA ALA A 136 2.71 -29.03 -1.01
C ALA A 136 1.84 -27.76 -1.19
N LEU A 137 2.45 -26.63 -1.56
CA LEU A 137 1.71 -25.38 -1.78
C LEU A 137 1.19 -25.32 -3.22
N GLY A 138 1.81 -26.12 -4.10
CA GLY A 138 1.45 -26.21 -5.51
C GLY A 138 1.85 -24.97 -6.29
N GLY A 139 2.92 -24.33 -5.82
CA GLY A 139 3.47 -23.12 -6.43
C GLY A 139 4.80 -22.71 -5.85
N HIS A 140 5.30 -21.56 -6.31
CA HIS A 140 6.57 -21.02 -5.89
C HIS A 140 6.46 -19.96 -4.80
N TYR A 141 7.58 -19.71 -4.12
CA TYR A 141 7.71 -18.65 -3.13
C TYR A 141 9.13 -18.14 -3.15
N VAL A 142 9.38 -17.00 -2.50
CA VAL A 142 10.72 -16.43 -2.36
C VAL A 142 10.83 -15.74 -0.98
N ASP A 143 11.92 -16.01 -0.28
CA ASP A 143 12.19 -15.38 1.00
C ASP A 143 12.93 -14.08 0.72
N VAL A 144 12.41 -12.96 1.25
CA VAL A 144 13.05 -11.67 1.03
C VAL A 144 13.30 -10.96 2.37
N TRP A 145 14.30 -10.11 2.42
CA TRP A 145 14.61 -9.27 3.57
C TRP A 145 13.47 -8.24 3.70
N GLY A 146 13.03 -7.94 4.92
CA GLY A 146 11.94 -6.97 5.17
C GLY A 146 12.11 -5.61 4.51
N GLY A 147 13.37 -5.16 4.38
CA GLY A 147 13.72 -3.87 3.79
C GLY A 147 13.82 -3.86 2.27
N GLU A 148 13.71 -5.03 1.63
CA GLU A 148 13.79 -5.13 0.16
C GLU A 148 12.70 -4.30 -0.51
N LEU A 149 13.04 -3.63 -1.63
CA LEU A 149 12.06 -2.88 -2.41
C LEU A 149 11.43 -3.83 -3.40
N TRP A 150 10.12 -3.68 -3.65
CA TRP A 150 9.39 -4.54 -4.58
C TRP A 150 10.00 -4.57 -6.00
N VAL A 151 10.59 -3.43 -6.46
CA VAL A 151 11.27 -3.33 -7.77
C VAL A 151 12.48 -4.31 -7.81
N ASP A 152 13.20 -4.44 -6.67
CA ASP A 152 14.35 -5.33 -6.56
C ASP A 152 13.92 -6.77 -6.43
N VAL A 153 12.75 -7.03 -5.80
CA VAL A 153 12.17 -8.37 -5.68
C VAL A 153 11.83 -8.87 -7.10
N LEU A 154 11.10 -8.04 -7.87
CA LEU A 154 10.66 -8.34 -9.24
C LEU A 154 11.85 -8.74 -10.15
N ASN A 155 12.89 -7.89 -10.20
CA ASN A 155 14.09 -8.10 -10.98
C ASN A 155 14.79 -9.40 -10.56
N TRP A 156 14.85 -9.70 -9.25
CA TRP A 156 15.42 -10.94 -8.73
C TRP A 156 14.63 -12.19 -9.18
N THR A 157 13.31 -12.20 -8.95
CA THR A 157 12.46 -13.36 -9.27
C THR A 157 12.34 -13.59 -10.78
N LEU A 158 12.36 -12.51 -11.60
CA LEU A 158 12.27 -12.67 -13.06
C LEU A 158 13.54 -13.32 -13.61
N SER A 159 14.72 -12.87 -13.14
CA SER A 159 16.02 -13.39 -13.57
C SER A 159 16.29 -14.83 -13.03
N HIS A 160 15.44 -15.34 -12.11
CA HIS A 160 15.57 -16.68 -11.55
C HIS A 160 14.33 -17.52 -11.78
N GLY A 161 14.04 -17.79 -13.05
CA GLY A 161 12.90 -18.62 -13.39
C GLY A 161 11.72 -17.90 -14.01
N GLY A 162 11.87 -16.61 -14.31
CA GLY A 162 10.78 -15.84 -14.91
C GLY A 162 9.55 -15.85 -14.03
N LEU A 163 9.77 -15.75 -12.70
CA LEU A 163 8.70 -15.74 -11.70
C LEU A 163 8.45 -14.31 -11.19
N ALA A 164 7.25 -14.06 -10.65
CA ALA A 164 6.93 -12.74 -10.09
C ALA A 164 5.78 -12.81 -9.08
N PRO A 165 5.76 -11.91 -8.06
CA PRO A 165 4.58 -11.79 -7.18
C PRO A 165 3.31 -11.59 -8.04
N ARG A 166 2.14 -11.96 -7.52
CA ARG A 166 0.91 -11.80 -8.31
C ARG A 166 0.05 -10.59 -7.90
N SER A 167 0.38 -9.98 -6.78
CA SER A 167 -0.36 -8.81 -6.24
C SER A 167 0.63 -7.69 -6.04
N TRP A 168 0.31 -6.50 -6.58
CA TRP A 168 1.22 -5.38 -6.53
C TRP A 168 0.69 -4.13 -5.81
N THR A 169 1.55 -3.11 -5.76
CA THR A 169 1.28 -1.70 -5.47
C THR A 169 1.50 -1.02 -6.88
N ASP A 170 0.97 0.21 -7.10
CA ASP A 170 1.14 0.96 -8.36
C ASP A 170 2.62 1.40 -8.47
N TYR A 171 3.26 1.63 -7.34
CA TYR A 171 4.64 2.10 -7.28
C TYR A 171 5.50 1.05 -6.56
N LEU A 172 6.58 0.62 -7.22
CA LEU A 172 7.45 -0.47 -6.76
C LEU A 172 8.65 -0.06 -5.90
N TYR A 173 8.88 1.24 -5.72
CA TYR A 173 9.97 1.71 -4.87
C TYR A 173 9.43 1.89 -3.45
N LEU A 174 8.89 0.80 -2.91
CA LEU A 174 8.32 0.67 -1.57
C LEU A 174 8.90 -0.57 -1.00
N SER A 175 9.07 -0.64 0.36
CA SER A 175 9.58 -1.86 1.00
C SER A 175 8.51 -2.93 1.20
N VAL A 176 8.97 -4.18 1.30
CA VAL A 176 8.12 -5.36 1.54
C VAL A 176 7.49 -5.24 2.94
N GLY A 177 8.31 -4.92 3.95
CA GLY A 177 7.83 -4.75 5.32
C GLY A 177 6.84 -3.61 5.48
N GLY A 178 7.06 -2.53 4.72
CA GLY A 178 6.25 -1.31 4.71
C GLY A 178 4.87 -1.55 4.16
N THR A 179 4.78 -2.20 2.98
CA THR A 179 3.47 -2.50 2.37
C THR A 179 2.76 -3.60 3.13
N LEU A 180 3.48 -4.63 3.61
CA LEU A 180 2.83 -5.72 4.37
C LEU A 180 2.26 -5.28 5.74
N SER A 181 2.72 -4.14 6.27
CA SER A 181 2.25 -3.53 7.52
C SER A 181 0.98 -2.70 7.26
N ASN A 182 0.59 -2.52 5.97
CA ASN A 182 -0.61 -1.76 5.59
C ASN A 182 -1.58 -2.67 4.82
N ALA A 183 -1.26 -3.01 3.57
CA ALA A 183 -1.99 -3.99 2.77
C ALA A 183 -1.25 -4.26 1.47
N GLY A 184 -0.92 -3.20 0.74
CA GLY A 184 -0.27 -3.30 -0.56
C GLY A 184 -1.33 -3.54 -1.60
N ILE A 185 -1.85 -2.46 -2.19
CA ILE A 185 -2.98 -2.50 -3.14
C ILE A 185 -2.65 -1.92 -4.52
N SER A 186 -3.23 -2.53 -5.57
CA SER A 186 -3.20 -2.12 -6.97
C SER A 186 -4.35 -2.80 -7.71
N GLY A 187 -4.35 -2.75 -9.04
CA GLY A 187 -5.41 -3.32 -9.89
C GLY A 187 -5.60 -4.82 -9.84
N GLN A 188 -4.67 -5.58 -9.22
CA GLN A 188 -4.77 -7.04 -9.11
C GLN A 188 -5.51 -7.48 -7.87
N ALA A 189 -5.63 -6.60 -6.85
CA ALA A 189 -6.23 -6.94 -5.54
C ALA A 189 -7.65 -7.51 -5.62
N PHE A 190 -8.49 -7.08 -6.57
CA PHE A 190 -9.87 -7.62 -6.72
C PHE A 190 -9.86 -9.16 -6.90
N HIS A 191 -8.81 -9.68 -7.59
CA HIS A 191 -8.66 -11.10 -7.90
C HIS A 191 -7.70 -11.84 -6.94
N HIS A 192 -6.50 -11.32 -6.67
CA HIS A 192 -5.53 -12.01 -5.82
C HIS A 192 -5.55 -11.58 -4.35
N GLY A 193 -6.27 -10.51 -4.09
CA GLY A 193 -6.29 -9.89 -2.78
C GLY A 193 -5.08 -8.98 -2.70
N PRO A 194 -4.96 -8.19 -1.62
CA PRO A 194 -3.79 -7.31 -1.46
C PRO A 194 -2.52 -8.14 -1.16
N GLN A 195 -1.36 -7.49 -1.09
CA GLN A 195 -0.09 -8.17 -0.82
C GLN A 195 -0.08 -8.95 0.52
N ILE A 196 -0.86 -8.46 1.54
CA ILE A 196 -1.00 -9.19 2.81
C ILE A 196 -1.73 -10.54 2.65
N SER A 197 -2.41 -10.78 1.49
CA SER A 197 -3.10 -12.06 1.20
C SER A 197 -2.19 -12.98 0.35
N ASN A 198 -0.95 -12.55 0.07
CA ASN A 198 -0.02 -13.27 -0.82
C ASN A 198 1.36 -13.50 -0.17
N VAL A 199 1.33 -13.81 1.14
CA VAL A 199 2.52 -14.04 1.94
C VAL A 199 2.28 -15.29 2.80
N TYR A 200 3.20 -16.22 2.74
CA TYR A 200 3.08 -17.50 3.45
C TYR A 200 3.61 -17.48 4.87
N GLU A 201 4.67 -16.70 5.11
CA GLU A 201 5.39 -16.75 6.36
C GLU A 201 6.20 -15.50 6.55
N LEU A 202 6.52 -15.19 7.82
CA LEU A 202 7.35 -14.05 8.21
C LEU A 202 8.31 -14.45 9.32
N ASP A 203 9.42 -13.71 9.43
CA ASP A 203 10.29 -13.66 10.59
C ASP A 203 10.01 -12.27 11.12
N VAL A 204 9.60 -12.18 12.38
CA VAL A 204 9.27 -10.92 13.04
C VAL A 204 10.15 -10.71 14.27
N VAL A 205 10.70 -9.49 14.45
CA VAL A 205 11.44 -9.10 15.64
C VAL A 205 10.37 -8.35 16.47
N THR A 206 9.86 -8.96 17.56
CA THR A 206 8.84 -8.36 18.44
C THR A 206 9.40 -7.14 19.23
N GLY A 207 8.53 -6.40 19.92
CA GLY A 207 8.89 -5.26 20.76
C GLY A 207 9.65 -5.65 22.03
N LYS A 208 9.90 -6.96 22.22
CA LYS A 208 10.69 -7.55 23.31
C LYS A 208 12.04 -8.05 22.75
N GLY A 209 12.31 -7.79 21.46
CA GLY A 209 13.54 -8.17 20.77
C GLY A 209 13.70 -9.66 20.52
N GLU A 210 12.58 -10.38 20.46
CA GLU A 210 12.58 -11.83 20.21
C GLU A 210 12.34 -12.05 18.69
N VAL A 211 13.07 -12.99 18.08
CA VAL A 211 12.92 -13.32 16.66
C VAL A 211 11.94 -14.48 16.56
N VAL A 212 10.78 -14.27 15.92
CA VAL A 212 9.73 -15.29 15.82
C VAL A 212 9.37 -15.57 14.35
N THR A 213 9.35 -16.87 13.98
CA THR A 213 8.87 -17.33 12.70
C THR A 213 7.38 -17.57 12.87
N CYS A 214 6.58 -16.97 11.99
CA CYS A 214 5.14 -17.12 12.05
C CYS A 214 4.49 -17.25 10.67
N SER A 215 3.31 -17.89 10.65
CA SER A 215 2.49 -18.22 9.47
C SER A 215 1.10 -18.56 9.99
N GLU A 216 0.21 -19.06 9.13
CA GLU A 216 -1.14 -19.50 9.53
C GLU A 216 -1.06 -20.74 10.48
N THR A 217 0.01 -21.56 10.35
CA THR A 217 0.16 -22.78 11.16
C THR A 217 1.08 -22.61 12.38
N GLU A 218 1.89 -21.53 12.41
CA GLU A 218 2.86 -21.32 13.48
C GLU A 218 2.77 -19.90 13.99
N ASN A 219 2.45 -19.72 15.30
CA ASN A 219 2.25 -18.40 15.92
C ASN A 219 1.28 -17.55 15.04
N PRO A 220 0.08 -18.09 14.66
CA PRO A 220 -0.82 -17.33 13.76
C PRO A 220 -1.25 -15.95 14.25
N ASP A 221 -1.35 -15.76 15.60
CA ASP A 221 -1.76 -14.48 16.20
C ASP A 221 -0.78 -13.40 15.84
N LEU A 222 0.53 -13.71 15.91
CA LEU A 222 1.58 -12.76 15.55
C LEU A 222 1.55 -12.53 14.04
N PHE A 223 1.44 -13.60 13.25
CA PHE A 223 1.42 -13.50 11.78
C PHE A 223 0.30 -12.60 11.27
N PHE A 224 -0.96 -12.93 11.60
CA PHE A 224 -2.14 -12.16 11.22
C PHE A 224 -2.15 -10.77 11.85
N GLY A 225 -1.57 -10.62 13.05
CA GLY A 225 -1.50 -9.34 13.73
C GLY A 225 -0.59 -8.35 13.02
N VAL A 226 0.59 -8.84 12.59
CA VAL A 226 1.60 -8.06 11.90
C VAL A 226 1.10 -7.60 10.52
N LEU A 227 0.39 -8.49 9.80
CA LEU A 227 -0.18 -8.18 8.48
C LEU A 227 -1.26 -7.10 8.62
N GLY A 228 -0.98 -5.92 8.04
CA GLY A 228 -1.87 -4.76 8.13
C GLY A 228 -1.82 -4.10 9.49
N GLY A 229 -0.85 -4.55 10.33
CA GLY A 229 -0.63 -4.17 11.72
C GLY A 229 0.02 -2.85 12.06
N LEU A 230 0.37 -2.04 11.03
CA LEU A 230 0.92 -0.69 11.19
C LEU A 230 2.25 -0.65 12.02
N GLY A 231 3.03 -1.73 11.90
CA GLY A 231 4.30 -1.90 12.62
C GLY A 231 4.21 -2.01 14.13
N GLN A 232 3.00 -2.24 14.67
CA GLN A 232 2.74 -2.24 16.11
C GLN A 232 3.27 -3.43 16.91
N PHE A 233 3.46 -4.59 16.28
CA PHE A 233 3.79 -5.83 16.99
C PHE A 233 5.18 -6.40 16.70
N GLY A 234 5.93 -5.72 15.85
CA GLY A 234 7.27 -6.16 15.45
C GLY A 234 7.75 -5.66 14.10
N ILE A 235 9.05 -5.89 13.84
CA ILE A 235 9.71 -5.54 12.58
C ILE A 235 9.84 -6.81 11.73
N ILE A 236 9.29 -6.78 10.51
CA ILE A 236 9.40 -7.90 9.59
C ILE A 236 10.84 -7.91 9.07
N THR A 237 11.58 -9.00 9.34
CA THR A 237 12.97 -9.13 8.84
C THR A 237 13.01 -10.07 7.62
N ARG A 238 12.00 -10.97 7.49
CA ARG A 238 11.83 -11.87 6.35
C ARG A 238 10.36 -12.02 6.02
N ALA A 239 10.06 -12.05 4.72
CA ALA A 239 8.72 -12.30 4.22
C ALA A 239 8.86 -13.32 3.10
N ARG A 240 7.99 -14.32 3.13
CA ARG A 240 7.96 -15.39 2.15
C ARG A 240 6.80 -15.08 1.20
N ILE A 241 7.13 -14.50 0.04
CA ILE A 241 6.20 -13.98 -0.97
C ILE A 241 5.74 -15.06 -1.93
N ALA A 242 4.41 -15.16 -2.18
CA ALA A 242 3.86 -16.09 -3.16
C ALA A 242 4.25 -15.59 -4.57
N LEU A 243 4.57 -16.54 -5.48
CA LEU A 243 4.99 -16.20 -6.84
C LEU A 243 4.22 -16.99 -7.85
N GLU A 244 4.10 -16.46 -9.07
CA GLU A 244 3.50 -17.14 -10.22
C GLU A 244 4.46 -17.01 -11.40
N ARG A 245 4.29 -17.84 -12.47
CA ARG A 245 5.08 -17.69 -13.69
C ARG A 245 4.63 -16.35 -14.24
N ALA A 246 5.57 -15.46 -14.46
CA ALA A 246 5.26 -14.12 -14.91
C ALA A 246 4.81 -14.03 -16.37
N PRO A 247 3.82 -13.15 -16.69
CA PRO A 247 3.50 -12.92 -18.11
C PRO A 247 4.68 -12.21 -18.76
N LYS A 248 4.80 -12.27 -20.08
CA LYS A 248 5.92 -11.56 -20.72
C LYS A 248 5.49 -10.14 -21.07
N ARG A 249 4.25 -9.97 -21.54
CA ARG A 249 3.78 -8.67 -22.00
C ARG A 249 2.40 -8.32 -21.47
N VAL A 250 2.03 -7.07 -21.66
CA VAL A 250 0.77 -6.49 -21.19
C VAL A 250 0.10 -5.69 -22.29
N ARG A 251 -1.20 -5.94 -22.48
CA ARG A 251 -2.07 -5.15 -23.32
C ARG A 251 -2.81 -4.18 -22.33
N TRP A 252 -2.33 -2.93 -22.25
CA TRP A 252 -2.73 -1.85 -21.37
C TRP A 252 -3.78 -0.96 -22.07
N ILE A 253 -5.01 -0.97 -21.54
CA ILE A 253 -6.17 -0.25 -22.09
C ILE A 253 -6.72 0.85 -21.14
N ARG A 254 -7.19 1.95 -21.74
CA ARG A 254 -7.87 3.07 -21.10
C ARG A 254 -9.04 3.45 -22.00
N ALA A 255 -10.23 3.64 -21.39
CA ALA A 255 -11.48 4.04 -22.06
C ALA A 255 -12.17 5.10 -21.17
N LEU A 256 -12.77 6.14 -21.79
CA LEU A 256 -13.43 7.24 -21.08
C LEU A 256 -14.95 7.07 -20.87
N TYR A 257 -15.47 7.71 -19.81
CA TYR A 257 -16.90 7.68 -19.43
C TYR A 257 -17.30 9.04 -18.97
N SER A 258 -18.53 9.44 -19.31
CA SER A 258 -19.08 10.72 -18.82
C SER A 258 -20.11 10.40 -17.72
N ASN A 259 -20.68 9.19 -17.74
CA ASN A 259 -21.67 8.73 -16.79
C ASN A 259 -21.03 7.89 -15.66
N PHE A 260 -21.13 8.38 -14.39
CA PHE A 260 -20.56 7.70 -13.22
C PHE A 260 -21.25 6.37 -12.89
N SER A 261 -22.58 6.27 -13.14
CA SER A 261 -23.34 5.04 -12.91
C SER A 261 -22.90 3.95 -13.86
N GLU A 262 -22.58 4.28 -15.13
CA GLU A 262 -22.12 3.29 -16.12
C GLU A 262 -20.67 2.90 -15.81
N PHE A 263 -19.82 3.88 -15.42
CA PHE A 263 -18.41 3.66 -15.07
C PHE A 263 -18.28 2.67 -13.91
N THR A 264 -18.98 2.93 -12.78
CA THR A 264 -18.97 2.07 -11.60
C THR A 264 -19.62 0.73 -11.86
N ALA A 265 -20.73 0.71 -12.64
CA ALA A 265 -21.40 -0.55 -12.97
C ALA A 265 -20.46 -1.47 -13.78
N ASP A 266 -19.66 -0.88 -14.68
CA ASP A 266 -18.68 -1.63 -15.49
C ASP A 266 -17.49 -2.10 -14.66
N GLN A 267 -17.00 -1.26 -13.71
CA GLN A 267 -15.92 -1.64 -12.79
C GLN A 267 -16.36 -2.79 -11.89
N GLU A 268 -17.60 -2.73 -11.39
CA GLU A 268 -18.15 -3.77 -10.52
C GLU A 268 -18.39 -5.09 -11.26
N ARG A 269 -18.79 -5.00 -12.55
CA ARG A 269 -18.97 -6.21 -13.34
C ARG A 269 -17.58 -6.86 -13.63
N LEU A 270 -16.57 -6.06 -14.00
CA LEU A 270 -15.21 -6.50 -14.31
C LEU A 270 -14.53 -7.21 -13.15
N ILE A 271 -14.74 -6.73 -11.91
CA ILE A 271 -14.12 -7.35 -10.72
C ILE A 271 -14.86 -8.63 -10.27
N SER A 272 -16.01 -8.92 -10.85
CA SER A 272 -16.78 -10.13 -10.51
C SER A 272 -16.51 -11.32 -11.45
N LEU A 273 -15.72 -11.11 -12.53
CA LEU A 273 -15.39 -12.07 -13.61
C LEU A 273 -14.37 -13.16 -13.21
N GLY A 274 -14.32 -14.31 -13.92
CA GLY A 274 -15.14 -14.66 -15.09
C GLY A 274 -16.10 -15.80 -14.87
N GLY A 278 -12.73 -18.76 -17.12
CA GLY A 278 -13.47 -17.53 -17.41
C GLY A 278 -12.59 -16.37 -17.87
N ARG A 279 -13.04 -15.67 -18.92
CA ARG A 279 -12.33 -14.52 -19.51
C ARG A 279 -12.42 -13.30 -18.56
N ARG A 280 -11.28 -12.70 -18.20
CA ARG A 280 -11.23 -11.54 -17.30
C ARG A 280 -10.00 -10.69 -17.57
N PHE A 281 -10.02 -9.43 -17.09
CA PHE A 281 -8.83 -8.58 -17.17
C PHE A 281 -7.98 -8.95 -15.94
N ASP A 282 -6.68 -8.69 -15.98
CA ASP A 282 -5.75 -9.01 -14.89
C ASP A 282 -5.55 -7.82 -13.95
N TYR A 283 -6.08 -6.65 -14.34
CA TYR A 283 -5.89 -5.42 -13.59
C TYR A 283 -7.09 -4.55 -13.88
N VAL A 284 -7.68 -3.97 -12.82
CA VAL A 284 -8.84 -3.07 -12.92
C VAL A 284 -8.62 -1.87 -12.02
N GLU A 285 -8.38 -0.73 -12.64
CA GLU A 285 -8.30 0.54 -11.94
C GLU A 285 -9.18 1.57 -12.66
N GLY A 286 -9.09 2.79 -12.19
CA GLY A 286 -9.86 3.91 -12.70
C GLY A 286 -9.31 5.17 -12.11
N PHE A 287 -9.65 6.31 -12.73
CA PHE A 287 -9.26 7.63 -12.26
C PHE A 287 -10.22 8.71 -12.76
N VAL A 288 -10.31 9.80 -12.00
CA VAL A 288 -11.18 10.94 -12.29
C VAL A 288 -10.40 11.96 -13.10
N VAL A 289 -11.01 12.47 -14.18
CA VAL A 289 -10.44 13.43 -15.15
C VAL A 289 -11.32 14.70 -15.20
N ALA A 290 -10.69 15.87 -15.18
CA ALA A 290 -11.39 17.15 -15.36
C ALA A 290 -11.60 17.36 -16.87
N ALA A 291 -12.70 18.02 -17.27
CA ALA A 291 -13.11 18.31 -18.66
C ALA A 291 -12.00 18.77 -19.63
N GLU A 292 -10.97 19.49 -19.13
CA GLU A 292 -9.85 20.00 -19.94
C GLU A 292 -8.62 19.06 -19.95
N GLY A 293 -7.79 19.19 -20.99
CA GLY A 293 -6.58 18.38 -21.17
C GLY A 293 -5.87 18.63 -22.48
N SER A 319 -18.04 19.68 -15.91
CA SER A 319 -18.14 18.31 -16.41
C SER A 319 -16.94 17.47 -15.97
N VAL A 320 -17.23 16.21 -15.60
CA VAL A 320 -16.26 15.27 -15.08
C VAL A 320 -16.20 14.05 -15.96
N LEU A 321 -14.99 13.56 -16.25
CA LEU A 321 -14.83 12.31 -16.99
C LEU A 321 -14.18 11.24 -16.10
N TYR A 322 -14.52 9.99 -16.32
CA TYR A 322 -13.95 8.87 -15.57
C TYR A 322 -13.25 7.92 -16.54
N CYS A 323 -12.01 7.61 -16.24
CA CYS A 323 -11.23 6.73 -17.07
C CYS A 323 -11.09 5.37 -16.46
N LEU A 324 -11.60 4.35 -17.17
CA LEU A 324 -11.46 2.94 -16.82
C LEU A 324 -10.06 2.50 -17.33
N GLU A 325 -9.26 1.83 -16.47
CA GLU A 325 -7.90 1.36 -16.84
C GLU A 325 -7.81 -0.12 -16.55
N VAL A 326 -7.56 -0.91 -17.59
CA VAL A 326 -7.51 -2.38 -17.51
C VAL A 326 -6.30 -2.92 -18.25
N THR A 327 -5.91 -4.15 -17.93
CA THR A 327 -4.83 -4.83 -18.65
C THR A 327 -5.19 -6.27 -18.87
N LYS A 328 -4.58 -6.85 -19.90
CA LYS A 328 -4.65 -8.27 -20.20
C LYS A 328 -3.20 -8.74 -20.37
N ASN A 329 -2.75 -9.56 -19.44
CA ASN A 329 -1.41 -10.14 -19.35
C ASN A 329 -1.32 -11.28 -20.36
N TYR A 330 -0.17 -11.43 -21.01
CA TYR A 330 0.01 -12.54 -21.95
C TYR A 330 1.47 -12.93 -22.11
N ASP A 331 1.69 -14.16 -22.62
CA ASP A 331 3.02 -14.72 -22.88
C ASP A 331 3.06 -15.29 -24.32
N ASP A 332 4.13 -16.06 -24.67
CA ASP A 332 4.28 -16.68 -26.00
C ASP A 332 3.10 -17.59 -26.37
N GLU A 333 2.59 -18.38 -25.39
CA GLU A 333 1.47 -19.30 -25.55
C GLU A 333 0.13 -18.60 -25.80
N THR A 334 -0.18 -17.54 -25.02
CA THR A 334 -1.45 -16.81 -25.12
C THR A 334 -1.42 -15.63 -26.11
N ALA A 335 -0.27 -15.36 -26.76
CA ALA A 335 -0.14 -14.24 -27.72
C ALA A 335 -1.15 -14.25 -28.88
N GLY A 336 -1.55 -15.44 -29.32
CA GLY A 336 -2.51 -15.64 -30.40
C GLY A 336 -3.98 -15.49 -30.02
N SER A 337 -4.27 -15.38 -28.71
CA SER A 337 -5.64 -15.24 -28.21
C SER A 337 -5.89 -13.89 -27.52
N VAL A 338 -4.82 -13.11 -27.24
CA VAL A 338 -4.91 -11.84 -26.52
C VAL A 338 -5.81 -10.82 -27.25
N ASP A 339 -5.69 -10.69 -28.59
CA ASP A 339 -6.49 -9.72 -29.36
C ASP A 339 -7.99 -9.98 -29.28
N GLN A 340 -8.41 -11.25 -29.40
CA GLN A 340 -9.83 -11.61 -29.33
C GLN A 340 -10.36 -11.57 -27.90
N ASP A 341 -9.53 -11.97 -26.90
CA ASP A 341 -9.93 -11.93 -25.48
C ASP A 341 -10.27 -10.49 -25.08
N VAL A 342 -9.38 -9.54 -25.41
CA VAL A 342 -9.54 -8.11 -25.15
C VAL A 342 -10.82 -7.59 -25.82
N ASP A 343 -11.01 -7.91 -27.12
CA ASP A 343 -12.17 -7.48 -27.90
C ASP A 343 -13.51 -7.99 -27.36
N THR A 344 -13.55 -9.27 -26.92
CA THR A 344 -14.75 -9.90 -26.34
C THR A 344 -15.15 -9.19 -25.03
N LEU A 345 -14.16 -8.92 -24.14
CA LEU A 345 -14.36 -8.25 -22.85
C LEU A 345 -14.80 -6.80 -23.04
N LEU A 346 -14.14 -6.06 -23.95
CA LEU A 346 -14.46 -4.64 -24.25
C LEU A 346 -15.84 -4.46 -24.90
N GLY A 347 -16.29 -5.44 -25.68
CA GLY A 347 -17.60 -5.41 -26.33
C GLY A 347 -18.75 -5.44 -25.36
N GLU A 348 -18.54 -6.06 -24.18
CA GLU A 348 -19.51 -6.19 -23.10
C GLU A 348 -19.59 -4.93 -22.20
N LEU A 349 -18.71 -3.91 -22.44
CA LEU A 349 -18.65 -2.66 -21.65
C LEU A 349 -19.44 -1.50 -22.26
N ASN A 350 -19.57 -0.37 -21.54
CA ASN A 350 -20.38 0.78 -21.93
C ASN A 350 -19.63 2.10 -21.94
N PHE A 351 -18.34 2.07 -22.30
CA PHE A 351 -17.52 3.27 -22.41
C PHE A 351 -17.95 4.13 -23.62
N LEU A 352 -17.49 5.38 -23.67
CA LEU A 352 -17.79 6.30 -24.76
C LEU A 352 -17.08 5.80 -26.05
N PRO A 353 -17.84 5.59 -27.17
CA PRO A 353 -17.19 5.07 -28.39
C PRO A 353 -16.10 5.99 -28.93
N GLY A 354 -14.99 5.40 -29.37
CA GLY A 354 -13.83 6.11 -29.89
C GLY A 354 -12.94 6.70 -28.81
N THR A 355 -13.08 6.21 -27.55
CA THR A 355 -12.24 6.69 -26.43
C THR A 355 -11.29 5.59 -25.91
N VAL A 356 -11.22 4.44 -26.60
CA VAL A 356 -10.31 3.34 -26.24
C VAL A 356 -8.88 3.69 -26.73
N PHE A 357 -7.92 3.74 -25.80
CA PHE A 357 -6.49 3.96 -26.06
C PHE A 357 -5.80 2.66 -25.61
N THR A 358 -4.84 2.18 -26.43
CA THR A 358 -4.14 0.93 -26.18
C THR A 358 -2.63 1.10 -26.33
N THR A 359 -1.89 0.35 -25.49
CA THR A 359 -0.43 0.29 -25.40
C THR A 359 -0.11 -1.18 -25.19
N ASP A 360 0.99 -1.63 -25.80
CA ASP A 360 1.50 -2.99 -25.70
C ASP A 360 2.96 -2.82 -25.29
N LEU A 361 3.34 -3.44 -24.16
CA LEU A 361 4.67 -3.24 -23.61
C LEU A 361 5.09 -4.41 -22.72
N PRO A 362 6.39 -4.56 -22.38
CA PRO A 362 6.78 -5.64 -21.46
C PRO A 362 6.14 -5.49 -20.07
N TYR A 363 5.97 -6.61 -19.37
CA TYR A 363 5.41 -6.72 -18.02
C TYR A 363 6.14 -5.79 -17.01
N VAL A 364 7.48 -5.84 -16.98
CA VAL A 364 8.32 -4.99 -16.10
C VAL A 364 8.09 -3.50 -16.38
N ASP A 365 7.94 -3.13 -17.65
CA ASP A 365 7.71 -1.73 -18.06
C ASP A 365 6.36 -1.25 -17.55
N PHE A 366 5.30 -2.09 -17.67
CA PHE A 366 3.97 -1.73 -17.14
C PHE A 366 4.06 -1.53 -15.60
N LEU A 367 4.63 -2.51 -14.87
CA LEU A 367 4.74 -2.47 -13.41
C LEU A 367 5.54 -1.30 -12.90
N ASP A 368 6.47 -0.80 -13.71
CA ASP A 368 7.32 0.32 -13.34
C ASP A 368 6.84 1.68 -13.87
N ARG A 369 5.63 1.74 -14.46
CA ARG A 369 5.04 2.96 -15.04
C ARG A 369 5.05 4.21 -14.12
N VAL A 370 4.96 4.05 -12.77
CA VAL A 370 4.90 5.19 -11.83
C VAL A 370 6.32 5.75 -11.57
N HIS A 371 7.35 4.89 -11.65
CA HIS A 371 8.72 5.37 -11.51
C HIS A 371 9.08 6.34 -12.67
N LYS A 372 8.50 6.13 -13.86
CA LYS A 372 8.68 6.99 -15.05
C LYS A 372 8.01 8.36 -14.84
N ALA A 373 6.81 8.35 -14.21
CA ALA A 373 6.08 9.57 -13.83
C ALA A 373 6.93 10.33 -12.79
N GLU A 374 7.59 9.57 -11.87
CA GLU A 374 8.49 10.12 -10.85
C GLU A 374 9.69 10.86 -11.48
N LEU A 375 10.38 10.25 -12.47
CA LEU A 375 11.53 10.87 -13.13
C LEU A 375 11.18 12.21 -13.82
N LYS A 376 10.01 12.28 -14.47
CA LYS A 376 9.50 13.50 -15.11
C LYS A 376 9.20 14.60 -14.05
N LEU A 377 8.77 14.19 -12.82
CA LEU A 377 8.47 15.11 -11.72
C LEU A 377 9.73 15.67 -11.10
N ARG A 378 10.76 14.82 -10.96
CA ARG A 378 12.06 15.24 -10.41
C ARG A 378 12.73 16.26 -11.36
N ALA A 379 12.51 16.10 -12.69
CA ALA A 379 13.01 16.97 -13.76
C ALA A 379 12.41 18.39 -13.67
N LYS A 380 11.21 18.52 -13.07
CA LYS A 380 10.49 19.79 -12.89
C LYS A 380 10.54 20.33 -11.45
N GLY A 381 11.26 19.66 -10.56
CA GLY A 381 11.35 20.01 -9.14
C GLY A 381 10.02 19.85 -8.42
N MET A 382 9.16 18.95 -8.95
CA MET A 382 7.81 18.69 -8.48
C MET A 382 7.64 17.33 -7.76
N TRP A 383 8.75 16.78 -7.22
CA TRP A 383 8.70 15.51 -6.51
C TRP A 383 8.89 15.73 -5.03
N GLU A 384 9.90 16.50 -4.63
CA GLU A 384 10.17 16.80 -3.23
C GLU A 384 9.34 18.01 -2.75
N VAL A 385 8.01 17.87 -2.87
CA VAL A 385 6.98 18.82 -2.46
C VAL A 385 6.12 18.12 -1.38
N PRO A 386 5.32 18.86 -0.56
CA PRO A 386 4.45 18.18 0.42
C PRO A 386 3.40 17.32 -0.29
N HIS A 387 3.07 16.15 0.26
CA HIS A 387 2.07 15.27 -0.35
C HIS A 387 0.97 14.96 0.67
N PRO A 388 -0.07 15.83 0.75
CA PRO A 388 -1.17 15.56 1.70
C PRO A 388 -2.14 14.54 1.09
N TRP A 389 -1.68 13.30 0.96
CA TRP A 389 -2.45 12.21 0.37
C TRP A 389 -3.50 11.64 1.30
N LEU A 390 -4.67 11.40 0.73
CA LEU A 390 -5.78 10.81 1.48
C LEU A 390 -6.33 9.58 0.75
N ASN A 391 -6.39 8.44 1.43
CA ASN A 391 -6.88 7.21 0.83
C ASN A 391 -8.02 6.66 1.63
N LEU A 392 -9.17 6.46 0.99
CA LEU A 392 -10.35 5.95 1.67
C LEU A 392 -10.94 4.70 1.05
N PHE A 393 -11.35 3.79 1.90
CA PHE A 393 -12.12 2.63 1.48
C PHE A 393 -13.61 3.02 1.63
N VAL A 394 -14.38 2.98 0.53
CA VAL A 394 -15.78 3.43 0.52
C VAL A 394 -16.70 2.26 0.15
N PRO A 395 -17.68 1.91 1.02
CA PRO A 395 -18.64 0.83 0.66
C PRO A 395 -19.33 1.12 -0.69
N ALA A 396 -19.42 0.10 -1.58
CA ALA A 396 -20.02 0.22 -2.92
C ALA A 396 -21.46 0.76 -2.86
N SER A 397 -22.19 0.49 -1.74
CA SER A 397 -23.56 1.00 -1.53
C SER A 397 -23.62 2.54 -1.41
N ARG A 398 -22.48 3.19 -1.09
CA ARG A 398 -22.41 4.64 -0.93
C ARG A 398 -21.53 5.36 -1.94
N ILE A 399 -21.07 4.67 -3.00
CA ILE A 399 -20.17 5.27 -3.98
C ILE A 399 -20.85 6.35 -4.85
N ALA A 400 -22.13 6.15 -5.21
CA ALA A 400 -22.87 7.10 -6.04
C ALA A 400 -22.94 8.46 -5.37
N ASP A 401 -23.27 8.49 -4.05
CA ASP A 401 -23.39 9.68 -3.22
C ASP A 401 -22.05 10.38 -3.11
N PHE A 402 -20.97 9.57 -3.04
CA PHE A 402 -19.59 10.00 -2.96
C PHE A 402 -19.20 10.85 -4.18
N ASP A 403 -19.58 10.44 -5.38
CA ASP A 403 -19.30 11.21 -6.61
C ASP A 403 -19.97 12.59 -6.63
N ARG A 404 -21.25 12.62 -6.21
CA ARG A 404 -22.09 13.81 -6.17
C ARG A 404 -21.46 14.83 -5.22
N GLY A 405 -21.23 14.41 -3.98
CA GLY A 405 -20.67 15.24 -2.92
C GLY A 405 -19.19 15.55 -2.96
N VAL A 406 -18.34 14.64 -3.49
CA VAL A 406 -16.89 14.85 -3.51
C VAL A 406 -16.33 15.27 -4.85
N PHE A 407 -16.45 14.40 -5.88
CA PHE A 407 -15.88 14.66 -7.21
C PHE A 407 -16.53 15.87 -7.85
N ARG A 408 -17.85 16.01 -7.71
CA ARG A 408 -18.61 17.13 -8.27
C ARG A 408 -18.75 18.29 -7.24
N GLY A 409 -18.83 17.94 -5.95
CA GLY A 409 -19.02 18.88 -4.84
C GLY A 409 -17.76 19.54 -4.31
N VAL A 410 -17.09 18.86 -3.32
CA VAL A 410 -15.85 19.30 -2.64
C VAL A 410 -14.73 19.68 -3.62
N LEU A 411 -14.41 18.79 -4.60
CA LEU A 411 -13.33 19.02 -5.58
C LEU A 411 -13.81 19.73 -6.86
N GLY A 412 -15.11 20.04 -6.93
CA GLY A 412 -15.71 20.75 -8.05
C GLY A 412 -15.08 22.12 -8.23
N GLY A 413 -14.50 22.35 -9.41
CA GLY A 413 -13.79 23.59 -9.75
C GLY A 413 -12.31 23.53 -9.45
N ALA A 418 -2.98 22.86 -7.73
CA ALA A 418 -1.73 22.32 -7.21
C ALA A 418 -1.22 21.06 -7.99
N GLY A 419 -2.17 20.21 -8.43
CA GLY A 419 -1.90 19.00 -9.22
C GLY A 419 -1.97 17.65 -8.52
N GLY A 420 -2.36 16.60 -9.26
CA GLY A 420 -2.43 15.25 -8.73
C GLY A 420 -3.61 14.38 -9.12
N PRO A 421 -3.39 13.06 -9.32
CA PRO A 421 -4.51 12.17 -9.66
C PRO A 421 -5.45 11.79 -8.51
N VAL A 422 -6.65 11.36 -8.88
CA VAL A 422 -7.67 10.87 -8.00
C VAL A 422 -8.07 9.50 -8.57
N LEU A 423 -7.60 8.42 -7.94
CA LEU A 423 -7.87 7.05 -8.40
C LEU A 423 -9.09 6.45 -7.72
N ILE A 424 -9.79 5.56 -8.41
CA ILE A 424 -11.01 4.94 -7.89
C ILE A 424 -11.29 3.61 -8.57
N TYR A 425 -11.45 2.55 -7.78
CA TYR A 425 -11.76 1.22 -8.28
C TYR A 425 -12.27 0.29 -7.16
N PRO A 426 -13.18 -0.64 -7.47
CA PRO A 426 -13.67 -1.57 -6.45
C PRO A 426 -12.79 -2.80 -6.25
N MET A 427 -13.00 -3.50 -5.12
CA MET A 427 -12.28 -4.74 -4.73
C MET A 427 -13.28 -5.66 -4.06
N ASN A 428 -12.90 -6.92 -3.89
CA ASN A 428 -13.70 -7.97 -3.25
C ASN A 428 -13.19 -8.26 -1.86
N LYS A 429 -14.03 -8.00 -0.84
CA LYS A 429 -13.66 -8.23 0.55
C LYS A 429 -13.26 -9.69 0.84
N HIS A 430 -13.83 -10.70 0.12
CA HIS A 430 -13.51 -12.11 0.39
C HIS A 430 -12.05 -12.47 0.07
N LYS A 431 -11.33 -11.58 -0.65
CA LYS A 431 -9.91 -11.76 -0.96
C LYS A 431 -9.02 -11.25 0.19
N TRP A 432 -9.64 -10.66 1.21
CA TRP A 432 -8.98 -10.10 2.39
C TRP A 432 -9.27 -11.05 3.56
N ASP A 433 -8.22 -11.62 4.17
CA ASP A 433 -8.42 -12.52 5.31
C ASP A 433 -8.92 -11.70 6.52
N PRO A 434 -10.10 -12.03 7.08
CA PRO A 434 -10.62 -11.27 8.25
C PRO A 434 -9.78 -11.38 9.53
N ARG A 435 -8.82 -12.33 9.59
CA ARG A 435 -7.94 -12.49 10.77
C ARG A 435 -6.83 -11.46 10.84
N SER A 436 -6.50 -10.79 9.71
CA SER A 436 -5.43 -9.78 9.73
C SER A 436 -5.84 -8.49 10.49
N SER A 437 -4.88 -7.61 10.75
CA SER A 437 -5.12 -6.32 11.37
C SER A 437 -5.71 -5.29 10.39
N ALA A 438 -5.74 -5.59 9.06
CA ALA A 438 -6.28 -4.61 8.11
C ALA A 438 -7.76 -4.28 8.36
N VAL A 439 -8.12 -3.01 8.21
CA VAL A 439 -9.47 -2.50 8.44
C VAL A 439 -10.13 -2.13 7.12
N THR A 440 -11.16 -2.89 6.74
CA THR A 440 -11.92 -2.65 5.53
C THR A 440 -13.39 -2.32 5.89
N PRO A 441 -14.19 -1.70 5.01
CA PRO A 441 -15.61 -1.49 5.35
C PRO A 441 -16.36 -2.83 5.46
N ASP A 442 -17.45 -2.86 6.22
CA ASP A 442 -18.31 -4.05 6.41
C ASP A 442 -19.30 -4.16 5.23
N GLU A 443 -18.77 -4.54 4.06
CA GLU A 443 -19.49 -4.71 2.80
C GLU A 443 -18.60 -5.50 1.86
N GLU A 444 -19.20 -6.45 1.12
CA GLU A 444 -18.50 -7.38 0.23
C GLU A 444 -17.71 -6.70 -0.88
N VAL A 445 -18.25 -5.61 -1.42
CA VAL A 445 -17.59 -4.84 -2.47
C VAL A 445 -17.41 -3.43 -1.89
N PHE A 446 -16.16 -2.94 -1.94
CA PHE A 446 -15.84 -1.59 -1.50
C PHE A 446 -14.83 -1.01 -2.49
N TYR A 447 -14.74 0.30 -2.53
CA TYR A 447 -13.82 1.01 -3.39
C TYR A 447 -12.66 1.55 -2.62
N LEU A 448 -11.54 1.69 -3.30
CA LEU A 448 -10.41 2.47 -2.83
C LEU A 448 -10.55 3.77 -3.59
N VAL A 449 -10.60 4.88 -2.88
CA VAL A 449 -10.62 6.21 -3.50
C VAL A 449 -9.33 6.85 -3.01
N ALA A 450 -8.40 7.09 -3.92
CA ALA A 450 -7.08 7.65 -3.58
C ALA A 450 -6.92 9.08 -4.09
N PHE A 451 -6.88 10.06 -3.16
CA PHE A 451 -6.71 11.48 -3.47
C PHE A 451 -5.21 11.74 -3.35
N LEU A 452 -4.52 11.69 -4.51
CA LEU A 452 -3.05 11.78 -4.57
C LEU A 452 -2.59 13.14 -5.09
N ARG A 453 -2.95 14.19 -4.36
CA ARG A 453 -2.65 15.55 -4.75
C ARG A 453 -1.39 16.09 -4.10
N SER A 454 -0.61 16.85 -4.87
CA SER A 454 0.63 17.47 -4.40
C SER A 454 0.42 18.96 -4.24
N ALA A 455 1.05 19.54 -3.21
CA ALA A 455 1.05 20.97 -2.96
C ALA A 455 2.10 21.60 -3.90
N LEU A 456 1.93 22.89 -4.21
CA LEU A 456 2.86 23.63 -5.07
C LEU A 456 4.23 23.76 -4.40
N PRO A 457 5.35 23.70 -5.17
CA PRO A 457 6.69 23.79 -4.51
C PRO A 457 6.91 25.13 -3.79
N GLY A 458 7.44 25.04 -2.56
CA GLY A 458 7.77 26.18 -1.70
C GLY A 458 6.61 27.10 -1.39
N ALA A 459 5.34 26.59 -1.51
CA ALA A 459 4.10 27.35 -1.28
C ALA A 459 3.28 26.73 -0.12
N PRO A 460 3.60 27.08 1.14
CA PRO A 460 2.86 26.51 2.28
C PRO A 460 1.32 26.65 2.26
N GLU A 461 0.77 27.70 1.63
CA GLU A 461 -0.68 27.94 1.53
C GLU A 461 -1.37 26.90 0.64
N SER A 462 -0.61 26.31 -0.31
CA SER A 462 -1.12 25.28 -1.23
C SER A 462 -1.40 24.00 -0.41
N LEU A 463 -0.48 23.63 0.51
CA LEU A 463 -0.61 22.48 1.40
C LEU A 463 -1.82 22.68 2.34
N GLU A 464 -1.95 23.88 2.93
CA GLU A 464 -3.03 24.27 3.82
C GLU A 464 -4.40 24.15 3.16
N ALA A 465 -4.54 24.59 1.89
CA ALA A 465 -5.80 24.55 1.14
C ALA A 465 -6.17 23.10 0.81
N LEU A 466 -5.16 22.28 0.46
CA LEU A 466 -5.33 20.87 0.19
C LEU A 466 -5.74 20.17 1.47
N ALA A 467 -5.12 20.49 2.62
CA ALA A 467 -5.53 19.88 3.90
C ALA A 467 -6.99 20.23 4.28
N ARG A 468 -7.46 21.46 3.97
CA ARG A 468 -8.84 21.85 4.25
C ARG A 468 -9.83 21.02 3.39
N GLN A 469 -9.49 20.82 2.10
CA GLN A 469 -10.24 19.98 1.17
C GLN A 469 -10.36 18.53 1.66
N ASN A 470 -9.26 17.95 2.22
CA ASN A 470 -9.25 16.59 2.79
C ASN A 470 -10.22 16.51 3.98
N GLN A 471 -10.16 17.50 4.88
CA GLN A 471 -11.06 17.55 6.04
C GLN A 471 -12.55 17.66 5.58
N ARG A 472 -12.84 18.42 4.50
CA ARG A 472 -14.18 18.55 3.92
C ARG A 472 -14.68 17.19 3.39
N ILE A 473 -13.75 16.38 2.85
CA ILE A 473 -14.07 15.03 2.36
C ILE A 473 -14.45 14.13 3.55
N LEU A 474 -13.64 14.13 4.64
CA LEU A 474 -13.91 13.34 5.85
C LEU A 474 -15.24 13.79 6.50
N ASP A 475 -15.48 15.12 6.55
CA ASP A 475 -16.69 15.73 7.13
C ASP A 475 -17.93 15.28 6.35
N PHE A 476 -17.81 15.21 5.01
CA PHE A 476 -18.87 14.74 4.12
C PHE A 476 -19.21 13.28 4.44
N CYS A 477 -18.20 12.40 4.58
CA CYS A 477 -18.42 10.99 4.90
C CYS A 477 -19.09 10.84 6.27
N ALA A 478 -18.60 11.63 7.26
CA ALA A 478 -19.13 11.63 8.63
C ALA A 478 -20.61 12.11 8.66
N GLY A 479 -20.88 13.24 8.02
CA GLY A 479 -22.17 13.91 7.96
C GLY A 479 -23.27 13.18 7.21
N THR A 480 -22.90 12.24 6.31
CA THR A 480 -23.87 11.47 5.52
C THR A 480 -23.88 10.01 5.93
N GLY A 481 -23.13 9.69 6.97
CA GLY A 481 -23.07 8.33 7.51
C GLY A 481 -22.46 7.30 6.59
N ILE A 482 -21.51 7.71 5.72
CA ILE A 482 -20.81 6.75 4.84
C ILE A 482 -19.81 6.01 5.73
N GLY A 483 -19.94 4.71 5.81
CA GLY A 483 -19.02 3.92 6.63
C GLY A 483 -17.64 3.72 6.00
N ALA A 484 -16.99 4.82 5.58
CA ALA A 484 -15.64 4.80 4.99
C ALA A 484 -14.57 4.49 6.06
N LYS A 485 -13.45 3.93 5.62
CA LYS A 485 -12.31 3.62 6.48
C LYS A 485 -11.06 4.18 5.81
N GLN A 486 -10.18 4.81 6.57
CA GLN A 486 -8.94 5.30 5.99
C GLN A 486 -7.98 4.15 5.78
N TYR A 487 -7.40 4.08 4.57
CA TYR A 487 -6.29 3.19 4.25
C TYR A 487 -5.06 4.08 4.60
N LEU A 488 -4.02 3.52 5.26
CA LEU A 488 -2.83 4.24 5.79
C LEU A 488 -3.38 5.27 6.82
N PRO A 489 -4.16 4.84 7.85
CA PRO A 489 -4.85 5.82 8.72
C PRO A 489 -3.95 6.86 9.37
N GLY A 490 -4.39 8.11 9.28
CA GLY A 490 -3.72 9.27 9.85
C GLY A 490 -4.37 9.78 11.13
N HIS A 491 -5.09 8.90 11.86
CA HIS A 491 -5.76 9.28 13.14
C HIS A 491 -4.77 9.68 14.25
N LYS A 492 -5.20 10.59 15.13
CA LYS A 492 -4.37 11.04 16.25
C LYS A 492 -4.95 10.61 17.61
N ALA A 493 -6.25 10.92 17.86
CA ALA A 493 -6.95 10.62 19.11
C ALA A 493 -7.31 9.17 19.28
N ARG A 494 -7.31 8.70 20.55
CA ARG A 494 -7.64 7.34 20.96
C ARG A 494 -9.07 6.97 20.54
N HIS A 495 -10.01 7.92 20.66
CA HIS A 495 -11.41 7.69 20.28
C HIS A 495 -11.55 7.58 18.75
N GLU A 496 -10.65 8.26 17.98
CA GLU A 496 -10.60 8.17 16.51
C GLU A 496 -10.15 6.74 16.13
N TRP A 497 -9.15 6.16 16.86
CA TRP A 497 -8.68 4.81 16.61
C TRP A 497 -9.71 3.77 17.02
N ALA A 498 -10.44 4.03 18.13
CA ALA A 498 -11.50 3.15 18.64
C ALA A 498 -12.58 3.02 17.58
N GLU A 499 -12.95 4.14 16.97
CA GLU A 499 -13.94 4.29 15.92
C GLU A 499 -13.48 3.57 14.63
N HIS A 500 -12.20 3.76 14.24
CA HIS A 500 -11.55 3.16 13.08
C HIS A 500 -11.61 1.65 13.14
N PHE A 501 -11.13 1.06 14.23
CA PHE A 501 -11.13 -0.37 14.41
C PHE A 501 -12.51 -0.96 14.74
N GLY A 502 -13.29 -0.27 15.58
CA GLY A 502 -14.55 -0.81 16.08
C GLY A 502 -14.20 -1.61 17.32
N ALA A 503 -15.20 -1.88 18.19
CA ALA A 503 -14.97 -2.56 19.48
C ALA A 503 -14.21 -3.90 19.40
N ALA A 504 -14.69 -4.84 18.61
CA ALA A 504 -14.08 -6.16 18.48
C ALA A 504 -12.60 -6.11 17.98
N ARG A 505 -12.33 -5.35 16.92
CA ARG A 505 -10.99 -5.23 16.33
C ARG A 505 -10.06 -4.44 17.24
N TRP A 506 -10.58 -3.42 17.95
CA TRP A 506 -9.76 -2.65 18.88
C TRP A 506 -9.26 -3.55 20.03
N ASP A 507 -10.15 -4.40 20.55
CA ASP A 507 -9.82 -5.31 21.64
C ASP A 507 -8.71 -6.28 21.23
N ARG A 508 -8.83 -6.88 20.03
CA ARG A 508 -7.86 -7.80 19.44
C ARG A 508 -6.50 -7.07 19.24
N PHE A 509 -6.54 -5.83 18.75
CA PHE A 509 -5.37 -4.98 18.50
C PHE A 509 -4.58 -4.64 19.79
N ALA A 510 -5.28 -4.12 20.81
CA ALA A 510 -4.72 -3.78 22.14
C ALA A 510 -4.12 -5.01 22.85
N ARG A 511 -4.81 -6.16 22.82
CA ARG A 511 -4.32 -7.40 23.44
C ARG A 511 -3.04 -7.86 22.76
N LEU A 512 -2.95 -7.69 21.42
CA LEU A 512 -1.75 -8.05 20.66
C LEU A 512 -0.61 -7.12 21.06
N LYS A 513 -0.92 -5.82 21.30
CA LYS A 513 0.10 -4.84 21.71
C LYS A 513 0.66 -5.17 23.10
N ALA A 514 -0.21 -5.58 24.05
CA ALA A 514 0.15 -5.98 25.42
C ALA A 514 1.10 -7.19 25.43
N GLU A 515 0.91 -8.09 24.46
CA GLU A 515 1.69 -9.30 24.30
C GLU A 515 3.02 -9.10 23.56
N PHE A 516 3.01 -8.35 22.43
CA PHE A 516 4.20 -8.26 21.57
C PHE A 516 4.99 -6.94 21.64
N ASP A 517 4.39 -5.86 22.17
CA ASP A 517 5.07 -4.59 22.36
C ASP A 517 4.48 -3.88 23.61
N PRO A 518 4.61 -4.48 24.84
CA PRO A 518 4.00 -3.86 26.04
C PRO A 518 4.49 -2.47 26.39
N ARG A 519 5.74 -2.11 25.99
CA ARG A 519 6.31 -0.81 26.30
C ARG A 519 6.07 0.25 25.21
N ALA A 520 5.31 -0.11 24.14
CA ALA A 520 4.94 0.75 23.01
C ALA A 520 6.18 1.38 22.34
N ILE A 521 7.25 0.57 22.21
CA ILE A 521 8.51 1.00 21.61
C ILE A 521 8.41 1.16 20.07
N LEU A 522 7.71 0.25 19.41
CA LEU A 522 7.66 0.17 17.95
C LEU A 522 6.63 0.99 17.25
N ALA A 523 7.06 1.63 16.13
CA ALA A 523 6.21 2.42 15.25
C ALA A 523 5.31 3.41 16.03
N ALA A 524 5.91 4.14 17.01
CA ALA A 524 5.21 5.12 17.85
C ALA A 524 4.74 6.32 17.05
N GLY A 525 5.36 6.55 15.88
CA GLY A 525 4.98 7.61 14.96
C GLY A 525 3.57 7.43 14.41
N GLN A 526 2.99 6.19 14.52
CA GLN A 526 1.61 5.90 14.10
C GLN A 526 0.63 6.61 15.08
N GLY A 527 1.09 6.83 16.33
CA GLY A 527 0.37 7.53 17.39
C GLY A 527 -0.88 6.82 17.87
N ILE A 528 -0.80 5.49 18.05
CA ILE A 528 -1.92 4.67 18.54
C ILE A 528 -1.76 4.41 20.04
N PHE A 529 -0.55 4.02 20.46
CA PHE A 529 -0.24 3.69 21.84
C PHE A 529 0.86 4.61 22.42
N ARG A 530 0.92 4.65 23.74
CA ARG A 530 1.91 5.42 24.52
C ARG A 530 2.47 4.49 25.64
N PRO A 531 3.77 4.63 26.04
CA PRO A 531 4.35 3.72 27.06
C PRO A 531 3.50 3.42 28.29
PA FAD B . 7.57 3.41 5.58
O1A FAD B . 6.77 4.57 5.10
O2A FAD B . 9.05 3.72 5.88
O5B FAD B . 6.93 2.68 6.86
C5B FAD B . 5.49 2.66 7.05
C4B FAD B . 5.18 2.05 8.40
O4B FAD B . 5.64 0.68 8.42
C3B FAD B . 5.84 2.73 9.59
O3B FAD B . 5.01 2.65 10.74
C2B FAD B . 7.15 1.94 9.73
O2B FAD B . 7.76 2.05 11.02
C1B FAD B . 6.66 0.53 9.39
N9A FAD B . 7.67 -0.37 8.84
C8A FAD B . 8.55 -0.15 7.80
N7A FAD B . 9.25 -1.20 7.46
C5A FAD B . 8.83 -2.18 8.35
C6A FAD B . 9.22 -3.52 8.53
N6A FAD B . 10.16 -4.13 7.82
N1A FAD B . 8.58 -4.23 9.50
C2A FAD B . 7.63 -3.62 10.22
N3A FAD B . 7.20 -2.37 10.15
C4A FAD B . 7.85 -1.69 9.19
N1 FAD B . 0.45 1.86 -1.22
C2 FAD B . -0.30 0.92 -1.85
O2 FAD B . -0.89 0.03 -1.23
N3 FAD B . -0.43 0.95 -3.23
C4 FAD B . 0.20 1.84 -4.07
O4 FAD B . -0.01 1.78 -5.27
C4X FAD B . 1.03 2.81 -3.41
N5 FAD B . 1.68 3.69 -4.15
C5X FAD B . 2.50 4.60 -3.50
C6 FAD B . 3.24 5.50 -4.27
C7 FAD B . 4.07 6.45 -3.67
C7M FAD B . 4.77 7.47 -4.53
C8 FAD B . 4.19 6.48 -2.26
C8M FAD B . 5.10 7.46 -1.57
C9 FAD B . 3.45 5.58 -1.50
C9A FAD B . 2.60 4.64 -2.10
N10 FAD B . 1.83 3.72 -1.34
C10 FAD B . 1.08 2.77 -1.96
C1' FAD B . 1.82 3.78 0.14
C2' FAD B . 2.80 2.83 0.82
O2' FAD B . 2.30 1.50 0.77
C3' FAD B . 3.04 3.24 2.27
O3' FAD B . 3.72 4.51 2.27
C4' FAD B . 3.78 2.29 3.20
O4' FAD B . 4.08 2.97 4.42
C5' FAD B . 5.01 1.62 2.61
O5' FAD B . 6.04 2.58 2.30
P FAD B . 7.56 2.31 2.88
O1P FAD B . 8.18 1.07 2.38
O2P FAD B . 8.39 3.52 2.50
O3P FAD B . 7.52 2.26 4.47
FAC OJ2 C . 3.57 8.98 -7.46
CAX OJ2 C . 3.14 9.88 -8.36
FAD OJ2 C . 3.72 9.70 -9.56
FAE OJ2 C . 3.42 11.11 -7.90
OAR OJ2 C . 1.76 9.81 -8.54
CAU OJ2 C . 1.21 8.59 -8.97
CAM OJ2 C . 0.78 7.66 -8.02
CAJ OJ2 C . 0.87 8.42 -10.32
CAH OJ2 C . 0.16 7.29 -10.70
CAI OJ2 C . -0.24 6.35 -9.76
CAT OJ2 C . 0.16 6.48 -8.42
NAP OJ2 C . -0.39 5.57 -7.49
CAS OJ2 C . -0.37 5.65 -6.08
OAA OJ2 C . 0.31 6.46 -5.48
NAQ OJ2 C . -1.22 4.73 -5.43
CAW OJ2 C . -1.47 4.61 -4.03
CAL OJ2 C . -0.95 5.51 -3.07
CAG OJ2 C . -1.27 5.37 -1.72
CAF OJ2 C . -2.17 4.38 -1.31
CAK OJ2 C . -2.73 3.55 -2.27
CAV OJ2 C . -2.44 3.68 -3.63
CAO OJ2 C . -3.09 2.74 -4.64
CAN OJ2 C . -4.08 3.44 -5.53
OAB OJ2 C . -4.24 2.67 -6.71
C1 EDO D . -10.53 -8.32 6.01
O1 EDO D . -11.83 -8.09 6.53
C2 EDO D . -9.51 -7.40 6.72
O2 EDO D . -9.19 -7.90 8.02
C1 EDO E . -2.61 4.04 -22.66
O1 EDO E . -3.16 2.82 -22.26
C2 EDO E . -1.54 4.45 -21.65
O2 EDO E . -1.17 5.79 -21.92
C1 EDO F . -24.76 0.26 -10.56
O1 EDO F . -24.60 1.67 -10.72
C2 EDO F . -23.64 -0.37 -9.67
O2 EDO F . -22.60 0.58 -9.38
C1 EDO G . -18.66 -0.97 -26.30
O1 EDO G . -18.92 0.41 -26.11
C2 EDO G . -19.95 -1.71 -26.75
O2 EDO G . -21.01 -1.51 -25.83
S DMS H . -4.02 27.72 9.37
O DMS H . -4.15 26.79 8.24
C1 DMS H . -2.64 27.10 10.28
C2 DMS H . -3.25 29.13 8.67
S DMS I . -13.62 8.54 8.58
O DMS I . -14.50 9.55 7.98
C1 DMS I . -12.91 7.65 7.23
C2 DMS I . -12.16 9.42 9.10
#